data_6TS5
#
_entry.id   6TS5
#
_cell.length_a   59.990
_cell.length_b   60.600
_cell.length_c   66.920
_cell.angle_alpha   90.000
_cell.angle_beta   90.000
_cell.angle_gamma   90.000
#
_symmetry.space_group_name_H-M   'P 21 21 21'
#
loop_
_entity.id
_entity.type
_entity.pdbx_description
1 polymer 'Coagulation factor XI'
2 non-polymer '2-[2-[3-[(3~{S})-3-azanyl-2,3-dihydro-1-benzofuran-5-yl]-5-propan-2-yl-phenyl]ethoxy]-3-methoxy-benzoic acid'
3 non-polymer 'SULFATE ION'
4 non-polymer 'DIMETHYL SULFOXIDE'
5 water water
#
_entity_poly.entity_id   1
_entity_poly.type   'polypeptide(L)'
_entity_poly.pdbx_seq_one_letter_code
;IVGGTASVRGEWPWQVTLHTTSPTQRHLCGGSIIGNQWILTAAHCFYGVESPKILRVYSGILNQSEIKEDTSFFGVQEII
IHDQYKMAESGYDIALLKLETTVNYTDSQRPISLPSKGDRNVIYTDCWVTGWGYRKLRDKIQNTLQKAKIPLVTNEECQK
RYRGHKITHKMICAGYREGGKDACKGDSGGPLSCKHNEVWHLVGITSWGEGCAQRERPGVYTNVVEYVDWILEKTQAV
;
_entity_poly.pdbx_strand_id   A
#
loop_
_chem_comp.id
_chem_comp.type
_chem_comp.name
_chem_comp.formula
DMS non-polymer 'DIMETHYL SULFOXIDE' 'C2 H6 O S'
NW2 non-polymer '2-[2-[3-[(3~{S})-3-azanyl-2,3-dihydro-1-benzofuran-5-yl]-5-propan-2-yl-phenyl]ethoxy]-3-methoxy-benzoic acid' 'C27 H29 N O5'
SO4 non-polymer 'SULFATE ION' 'O4 S -2'
#
# COMPACT_ATOMS: atom_id res chain seq x y z
N ILE A 1 -0.14 -5.99 9.74
CA ILE A 1 -1.50 -5.59 10.10
C ILE A 1 -1.76 -6.02 11.54
N VAL A 2 -2.22 -5.07 12.36
CA VAL A 2 -2.59 -5.35 13.75
C VAL A 2 -4.08 -5.62 13.80
N GLY A 3 -4.48 -6.67 14.52
CA GLY A 3 -5.90 -6.99 14.74
C GLY A 3 -6.66 -7.50 13.54
N GLY A 4 -5.94 -8.03 12.58
CA GLY A 4 -6.55 -8.55 11.36
C GLY A 4 -6.71 -10.04 11.38
N THR A 5 -7.12 -10.58 10.26
CA THR A 5 -7.30 -12.01 10.10
C THR A 5 -6.66 -12.44 8.78
N ALA A 6 -6.42 -13.74 8.63
CA ALA A 6 -5.83 -14.29 7.44
C ALA A 6 -6.73 -14.15 6.24
N SER A 7 -6.13 -13.76 5.12
CA SER A 7 -6.81 -13.73 3.86
C SER A 7 -6.76 -15.13 3.23
N VAL A 8 -7.47 -15.31 2.15
CA VAL A 8 -7.43 -16.57 1.39
C VAL A 8 -6.95 -16.30 -0.03
N ARG A 9 -6.62 -17.37 -0.79
CA ARG A 9 -6.16 -17.24 -2.16
C ARG A 9 -7.18 -16.50 -3.02
N GLY A 10 -6.71 -15.53 -3.81
CA GLY A 10 -7.55 -14.78 -4.70
C GLY A 10 -8.36 -13.65 -4.10
N GLU A 11 -8.25 -13.46 -2.78
CA GLU A 11 -9.07 -12.47 -2.10
C GLU A 11 -8.69 -11.03 -2.44
N TRP A 12 -7.39 -10.77 -2.56
CA TRP A 12 -6.86 -9.41 -2.83
C TRP A 12 -5.88 -9.51 -4.01
N PRO A 13 -6.37 -9.77 -5.22
CA PRO A 13 -5.46 -10.12 -6.32
C PRO A 13 -4.60 -9.01 -6.86
N TRP A 14 -4.87 -7.75 -6.45
CA TRP A 14 -3.99 -6.63 -6.83
C TRP A 14 -2.80 -6.51 -5.87
N GLN A 15 -2.84 -7.16 -4.70
CA GLN A 15 -1.77 -7.05 -3.72
C GLN A 15 -0.52 -7.79 -4.19
N VAL A 16 0.64 -7.12 -4.16
CA VAL A 16 1.91 -7.76 -4.44
C VAL A 16 2.82 -7.63 -3.22
N THR A 17 3.86 -8.47 -3.20
CA THR A 17 4.94 -8.38 -2.21
C THR A 17 6.20 -7.99 -2.97
N LEU A 18 6.78 -6.87 -2.57
CA LEU A 18 8.01 -6.38 -3.17
CA LEU A 18 8.02 -6.38 -3.16
C LEU A 18 9.14 -6.87 -2.28
N HIS A 19 10.09 -7.62 -2.86
CA HIS A 19 11.22 -8.12 -2.11
C HIS A 19 12.48 -7.38 -2.52
N THR A 20 13.38 -7.26 -1.59
CA THR A 20 14.76 -6.86 -1.87
C THR A 20 15.58 -8.14 -1.78
N THR A 21 16.69 -8.17 -2.52
CA THR A 21 17.55 -9.36 -2.55
C THR A 21 18.91 -9.15 -1.95
N SER A 22 19.18 -8.01 -1.35
CA SER A 22 20.48 -7.73 -0.74
C SER A 22 20.37 -6.83 0.49
N PRO A 23 21.11 -7.12 1.55
CA PRO A 23 22.09 -8.21 1.68
C PRO A 23 21.47 -9.59 1.91
N THR A 24 20.15 -9.66 2.21
CA THR A 24 19.37 -10.88 2.30
C THR A 24 18.09 -10.72 1.47
N GLN A 25 17.41 -11.82 1.12
CA GLN A 25 16.11 -11.67 0.45
C GLN A 25 15.07 -11.57 1.53
N ARG A 26 14.28 -10.52 1.49
CA ARG A 26 13.15 -10.33 2.40
C ARG A 26 12.09 -9.51 1.74
N HIS A 27 10.89 -9.62 2.30
CA HIS A 27 9.77 -8.76 1.90
C HIS A 27 10.10 -7.37 2.40
N LEU A 28 10.03 -6.40 1.51
CA LEU A 28 10.31 -5.02 1.83
C LEU A 28 9.01 -4.22 2.04
N CYS A 29 8.05 -4.34 1.13
CA CYS A 29 6.83 -3.51 1.16
C CYS A 29 5.76 -4.18 0.36
N GLY A 30 4.56 -3.69 0.54
CA GLY A 30 3.46 -4.07 -0.34
C GLY A 30 3.41 -3.16 -1.54
N GLY A 31 2.49 -3.47 -2.43
CA GLY A 31 2.20 -2.69 -3.63
C GLY A 31 0.89 -3.16 -4.24
N SER A 32 0.40 -2.40 -5.23
CA SER A 32 -0.83 -2.77 -5.93
C SER A 32 -0.62 -2.77 -7.41
N ILE A 33 -1.12 -3.81 -8.08
CA ILE A 33 -1.14 -3.84 -9.54
C ILE A 33 -2.21 -2.84 -10.03
N ILE A 34 -1.79 -1.88 -10.85
CA ILE A 34 -2.72 -0.91 -11.44
C ILE A 34 -2.72 -0.95 -12.96
N GLY A 35 -1.87 -1.74 -13.56
CA GLY A 35 -1.79 -1.89 -15.01
C GLY A 35 -0.93 -3.09 -15.32
N ASN A 36 -0.81 -3.45 -16.60
CA ASN A 36 -0.12 -4.70 -16.94
C ASN A 36 1.35 -4.67 -16.67
N GLN A 37 1.95 -3.51 -16.49
CA GLN A 37 3.38 -3.46 -16.14
C GLN A 37 3.62 -2.45 -15.05
N TRP A 38 2.61 -2.13 -14.23
CA TRP A 38 2.71 -1.04 -13.28
C TRP A 38 2.25 -1.43 -11.88
N ILE A 39 3.12 -1.17 -10.90
CA ILE A 39 2.81 -1.34 -9.48
C ILE A 39 2.81 0.03 -8.84
N LEU A 40 1.76 0.35 -8.08
CA LEU A 40 1.72 1.60 -7.31
C LEU A 40 2.09 1.25 -5.86
N THR A 41 3.05 1.97 -5.28
CA THR A 41 3.54 1.69 -3.95
C THR A 41 3.98 3.01 -3.27
N ALA A 42 4.70 2.91 -2.16
CA ALA A 42 5.12 4.07 -1.39
C ALA A 42 6.58 4.38 -1.66
N ALA A 43 6.89 5.66 -1.81
CA ALA A 43 8.27 6.13 -2.04
C ALA A 43 9.21 5.77 -0.91
N HIS A 44 8.74 5.82 0.34
CA HIS A 44 9.64 5.59 1.47
C HIS A 44 10.19 4.16 1.51
N CYS A 45 9.55 3.23 0.78
CA CYS A 45 10.04 1.87 0.69
C CYS A 45 11.44 1.78 0.12
N PHE A 46 11.84 2.78 -0.67
CA PHE A 46 13.10 2.71 -1.41
C PHE A 46 14.29 3.36 -0.69
N TYR A 47 14.16 3.60 0.62
CA TYR A 47 15.24 4.15 1.43
C TYR A 47 16.45 3.21 1.35
N GLY A 48 17.59 3.75 0.95
CA GLY A 48 18.81 2.94 0.83
C GLY A 48 18.85 1.94 -0.31
N VAL A 49 17.87 1.97 -1.24
CA VAL A 49 17.89 1.05 -2.39
C VAL A 49 18.72 1.67 -3.49
N GLU A 50 19.86 1.05 -3.82
CA GLU A 50 20.82 1.64 -4.75
C GLU A 50 20.33 1.68 -6.22
N SER A 51 19.50 0.73 -6.60
CA SER A 51 19.00 0.66 -7.96
C SER A 51 17.86 -0.37 -8.00
N PRO A 52 17.10 -0.39 -9.10
CA PRO A 52 16.06 -1.41 -9.23
C PRO A 52 16.60 -2.83 -9.37
N LYS A 53 17.93 -3.02 -9.54
CA LYS A 53 18.50 -4.34 -9.76
C LYS A 53 18.26 -5.31 -8.63
N ILE A 54 18.14 -4.81 -7.40
CA ILE A 54 17.98 -5.71 -6.25
C ILE A 54 16.52 -5.98 -5.88
N LEU A 55 15.57 -5.53 -6.70
CA LEU A 55 14.15 -5.74 -6.41
C LEU A 55 13.56 -6.88 -7.17
N ARG A 56 12.56 -7.51 -6.56
CA ARG A 56 11.74 -8.54 -7.22
C ARG A 56 10.30 -8.28 -6.84
N VAL A 57 9.37 -8.37 -7.80
CA VAL A 57 7.95 -8.23 -7.48
C VAL A 57 7.31 -9.59 -7.62
N TYR A 58 6.67 -10.08 -6.54
CA TYR A 58 5.94 -11.33 -6.60
C TYR A 58 4.44 -11.02 -6.57
N SER A 59 3.70 -11.58 -7.52
CA SER A 59 2.24 -11.47 -7.57
C SER A 59 1.62 -12.84 -7.31
N GLY A 60 0.34 -12.84 -6.95
CA GLY A 60 -0.37 -14.10 -6.71
C GLY A 60 0.09 -14.86 -5.49
N ILE A 61 0.68 -14.16 -4.51
CA ILE A 61 1.16 -14.77 -3.28
C ILE A 61 0.18 -14.63 -2.14
N LEU A 62 -0.07 -15.72 -1.42
CA LEU A 62 -0.86 -15.66 -0.19
C LEU A 62 0.11 -15.75 1.01
N ASN A 63 0.92 -16.82 1.05
CA ASN A 63 1.89 -17.04 2.11
C ASN A 63 3.28 -16.76 1.62
N GLN A 64 4.08 -16.02 2.41
CA GLN A 64 5.48 -15.74 2.04
C GLN A 64 6.27 -17.04 1.90
N SER A 65 5.89 -18.09 2.64
CA SER A 65 6.55 -19.39 2.56
C SER A 65 6.35 -20.07 1.21
N GLU A 66 5.41 -19.62 0.38
CA GLU A 66 5.20 -20.10 -0.98
C GLU A 66 6.40 -19.77 -1.86
N ILE A 67 7.13 -18.69 -1.55
CA ILE A 67 8.24 -18.22 -2.38
C ILE A 67 9.46 -19.08 -2.17
N LYS A 68 9.80 -19.82 -3.22
CA LYS A 68 10.96 -20.73 -3.23
C LYS A 68 11.93 -20.27 -4.33
N GLU A 69 13.05 -21.00 -4.48
CA GLU A 69 14.04 -20.67 -5.49
C GLU A 69 13.58 -20.73 -6.92
N ASP A 70 12.48 -21.44 -7.18
CA ASP A 70 11.95 -21.50 -8.54
C ASP A 70 10.63 -20.71 -8.70
N THR A 71 10.23 -19.91 -7.71
CA THR A 71 8.98 -19.14 -7.85
C THR A 71 9.21 -18.00 -8.83
N SER A 72 8.32 -17.85 -9.82
CA SER A 72 8.43 -16.75 -10.78
C SER A 72 8.17 -15.40 -10.12
N PHE A 73 8.85 -14.40 -10.64
CA PHE A 73 8.71 -13.01 -10.20
C PHE A 73 9.00 -12.10 -11.36
N PHE A 74 8.66 -10.83 -11.19
CA PHE A 74 8.96 -9.82 -12.16
C PHE A 74 10.17 -9.01 -11.74
N GLY A 75 11.07 -8.75 -12.68
CA GLY A 75 12.11 -7.77 -12.48
C GLY A 75 11.49 -6.38 -12.55
N VAL A 76 12.19 -5.43 -11.99
CA VAL A 76 11.78 -4.04 -11.99
C VAL A 76 12.66 -3.27 -12.96
N GLN A 77 12.06 -2.68 -13.98
N GLN A 77 12.03 -2.70 -14.00
CA GLN A 77 12.81 -1.92 -14.95
CA GLN A 77 12.61 -1.95 -15.09
C GLN A 77 13.12 -0.53 -14.42
C GLN A 77 12.94 -0.49 -14.68
N GLU A 78 12.11 0.09 -13.79
CA GLU A 78 12.27 1.47 -13.34
C GLU A 78 11.48 1.73 -12.06
N ILE A 79 12.04 2.54 -11.20
CA ILE A 79 11.38 3.06 -9.99
C ILE A 79 11.15 4.54 -10.23
N ILE A 80 9.89 5.01 -10.17
CA ILE A 80 9.54 6.41 -10.37
C ILE A 80 9.05 6.94 -9.05
N ILE A 81 9.84 7.74 -8.39
CA ILE A 81 9.46 8.36 -7.12
C ILE A 81 8.94 9.76 -7.38
N HIS A 82 7.87 10.17 -6.70
CA HIS A 82 7.34 11.55 -6.86
C HIS A 82 8.44 12.58 -6.60
N ASP A 83 8.57 13.57 -7.49
CA ASP A 83 9.67 14.53 -7.36
C ASP A 83 9.60 15.42 -6.14
N GLN A 84 8.45 15.49 -5.47
CA GLN A 84 8.33 16.28 -4.22
C GLN A 84 8.54 15.45 -2.96
N TYR A 85 8.74 14.12 -3.10
CA TYR A 85 8.95 13.27 -1.92
C TYR A 85 10.23 13.63 -1.11
N LYS A 86 10.12 13.75 0.23
CA LYS A 86 11.19 13.97 1.22
C LYS A 86 11.14 12.91 2.34
N MET A 87 10.00 12.78 3.03
CA MET A 87 9.83 11.77 4.07
CA MET A 87 9.84 11.86 4.16
C MET A 87 8.37 11.41 4.18
N ALA A 88 8.06 10.16 4.61
CA ALA A 88 6.66 9.70 4.65
C ALA A 88 5.71 10.67 5.32
N GLU A 89 6.08 11.16 6.52
CA GLU A 89 5.20 12.07 7.27
C GLU A 89 4.94 13.41 6.61
N SER A 90 5.77 13.80 5.65
CA SER A 90 5.58 15.08 4.97
CA SER A 90 5.58 15.07 4.96
C SER A 90 4.81 14.97 3.64
N GLY A 91 4.37 13.76 3.28
CA GLY A 91 3.60 13.57 2.07
C GLY A 91 4.36 13.17 0.83
N TYR A 92 3.65 13.07 -0.28
CA TYR A 92 4.19 12.65 -1.56
C TYR A 92 4.79 11.24 -1.47
N ASP A 93 4.23 10.40 -0.58
CA ASP A 93 4.78 9.06 -0.37
C ASP A 93 4.14 8.12 -1.39
N ILE A 94 4.63 8.20 -2.62
CA ILE A 94 4.06 7.50 -3.75
C ILE A 94 5.15 7.21 -4.75
N ALA A 95 5.10 6.03 -5.33
CA ALA A 95 6.08 5.63 -6.33
C ALA A 95 5.43 4.62 -7.28
N LEU A 96 5.93 4.53 -8.50
CA LEU A 96 5.51 3.54 -9.46
C LEU A 96 6.69 2.64 -9.76
N LEU A 97 6.43 1.34 -9.92
CA LEU A 97 7.40 0.41 -10.45
C LEU A 97 6.93 0.00 -11.83
N LYS A 98 7.80 0.15 -12.84
CA LYS A 98 7.55 -0.35 -14.15
C LYS A 98 8.21 -1.72 -14.21
N LEU A 99 7.45 -2.77 -14.51
CA LEU A 99 7.95 -4.14 -14.54
C LEU A 99 8.63 -4.44 -15.86
N GLU A 100 9.54 -5.44 -15.84
CA GLU A 100 10.27 -5.86 -17.02
C GLU A 100 9.41 -6.58 -18.06
N THR A 101 8.25 -7.10 -17.67
CA THR A 101 7.34 -7.78 -18.60
C THR A 101 5.94 -7.57 -18.07
N THR A 102 4.94 -7.98 -18.85
CA THR A 102 3.56 -7.81 -18.46
C THR A 102 3.02 -8.90 -17.59
N VAL A 103 2.09 -8.52 -16.72
CA VAL A 103 1.38 -9.43 -15.86
C VAL A 103 0.20 -10.00 -16.62
N ASN A 104 0.13 -11.32 -16.69
N ASN A 104 0.10 -11.33 -16.74
CA ASN A 104 -1.02 -11.99 -17.28
CA ASN A 104 -1.03 -12.00 -17.39
C ASN A 104 -2.05 -12.05 -16.17
C ASN A 104 -2.07 -12.19 -16.29
N TYR A 105 -3.27 -11.57 -16.42
CA TYR A 105 -4.28 -11.56 -15.37
C TYR A 105 -4.97 -12.89 -15.16
N THR A 106 -5.16 -13.27 -13.90
CA THR A 106 -5.83 -14.50 -13.48
C THR A 106 -6.63 -14.18 -12.18
N ASP A 107 -7.34 -15.18 -11.61
CA ASP A 107 -8.05 -14.97 -10.35
C ASP A 107 -7.11 -14.59 -9.20
N SER A 108 -5.79 -14.87 -9.31
CA SER A 108 -4.86 -14.52 -8.24
CA SER A 108 -4.84 -14.55 -8.26
C SER A 108 -4.05 -13.25 -8.50
N GLN A 109 -4.14 -12.66 -9.71
CA GLN A 109 -3.39 -11.44 -9.99
C GLN A 109 -4.11 -10.62 -11.03
N ARG A 110 -4.61 -9.47 -10.60
CA ARG A 110 -5.33 -8.57 -11.51
C ARG A 110 -5.26 -7.15 -10.99
N PRO A 111 -5.51 -6.15 -11.84
CA PRO A 111 -5.37 -4.77 -11.40
C PRO A 111 -6.55 -4.26 -10.61
N ILE A 112 -6.30 -3.23 -9.81
CA ILE A 112 -7.37 -2.52 -9.11
C ILE A 112 -7.51 -1.15 -9.75
N SER A 113 -8.75 -0.69 -9.91
CA SER A 113 -9.01 0.62 -10.48
CA SER A 113 -9.10 0.61 -10.44
C SER A 113 -8.69 1.73 -9.48
N LEU A 114 -8.34 2.88 -10.00
CA LEU A 114 -8.10 4.05 -9.17
C LEU A 114 -9.47 4.66 -8.82
N PRO A 115 -9.60 5.56 -7.84
CA PRO A 115 -10.89 6.19 -7.55
C PRO A 115 -11.31 6.96 -8.79
N SER A 116 -12.56 6.72 -9.17
CA SER A 116 -13.05 7.16 -10.45
C SER A 116 -13.18 8.63 -10.59
N LYS A 117 -12.96 9.09 -11.83
CA LYS A 117 -13.18 10.49 -12.17
C LYS A 117 -14.71 10.75 -12.01
N GLY A 118 -15.04 11.80 -11.25
CA GLY A 118 -16.44 12.09 -10.96
C GLY A 118 -16.92 11.58 -9.60
N ASP A 119 -16.10 10.77 -8.89
CA ASP A 119 -16.52 10.22 -7.60
C ASP A 119 -16.07 11.02 -6.36
N ARG A 120 -15.83 12.33 -6.49
CA ARG A 120 -15.41 13.18 -5.36
C ARG A 120 -16.36 13.10 -4.15
N ASN A 121 -17.67 13.07 -4.41
CA ASN A 121 -18.66 13.05 -3.33
C ASN A 121 -18.92 11.67 -2.73
N VAL A 122 -18.27 10.61 -3.25
CA VAL A 122 -18.48 9.27 -2.73
C VAL A 122 -17.93 9.13 -1.31
N ILE A 123 -18.78 8.65 -0.41
CA ILE A 123 -18.37 8.40 0.96
C ILE A 123 -18.02 6.93 1.02
N TYR A 124 -16.74 6.60 1.32
CA TYR A 124 -16.36 5.18 1.35
C TYR A 124 -16.58 4.60 2.73
N THR A 125 -17.47 3.59 2.83
CA THR A 125 -17.77 2.98 4.12
C THR A 125 -17.26 1.54 4.27
N ASP A 126 -16.59 1.00 3.23
CA ASP A 126 -16.13 -0.38 3.28
C ASP A 126 -14.68 -0.45 2.80
N CYS A 127 -13.75 -0.07 3.69
CA CYS A 127 -12.32 0.00 3.39
C CYS A 127 -11.53 -1.01 4.16
N TRP A 128 -10.60 -1.65 3.47
CA TRP A 128 -9.77 -2.68 4.04
C TRP A 128 -8.30 -2.45 3.76
N VAL A 129 -7.45 -2.73 4.75
CA VAL A 129 -6.01 -2.61 4.61
C VAL A 129 -5.44 -4.02 4.69
N THR A 130 -4.48 -4.33 3.81
CA THR A 130 -3.93 -5.67 3.73
C THR A 130 -2.40 -5.66 3.69
N GLY A 131 -1.79 -6.73 4.17
CA GLY A 131 -0.34 -6.82 4.10
C GLY A 131 0.27 -7.90 4.95
N TRP A 132 1.59 -8.06 4.79
CA TRP A 132 2.39 -9.02 5.53
C TRP A 132 3.19 -8.33 6.65
N GLY A 133 2.82 -7.12 7.03
CA GLY A 133 3.57 -6.38 8.03
C GLY A 133 3.36 -6.84 9.46
N TYR A 134 3.96 -6.08 10.36
CA TYR A 134 3.95 -6.41 11.79
C TYR A 134 2.55 -6.44 12.35
N ARG A 135 2.33 -7.29 13.36
CA ARG A 135 1.05 -7.33 14.08
C ARG A 135 1.15 -6.67 15.46
N LYS A 136 2.33 -6.19 15.84
CA LYS A 136 2.68 -5.55 17.11
C LYS A 136 4.06 -4.93 16.94
N LEU A 137 4.51 -4.13 17.92
CA LEU A 137 5.85 -3.56 17.87
C LEU A 137 6.87 -4.70 18.05
N ARG A 138 8.05 -4.58 17.41
CA ARG A 138 9.12 -5.56 17.48
C ARG A 138 8.73 -6.94 16.97
N ASP A 139 7.93 -6.98 15.91
CA ASP A 139 7.48 -8.22 15.33
C ASP A 139 8.36 -8.56 14.10
N LYS A 140 7.94 -9.55 13.34
CA LYS A 140 8.56 -9.96 12.11
C LYS A 140 7.50 -9.87 11.01
N ILE A 141 7.93 -9.99 9.75
CA ILE A 141 7.01 -10.07 8.62
C ILE A 141 6.22 -11.37 8.76
N GLN A 142 4.90 -11.28 8.56
CA GLN A 142 3.99 -12.40 8.72
C GLN A 142 3.95 -13.30 7.49
N ASN A 143 3.63 -14.57 7.69
CA ASN A 143 3.57 -15.50 6.59
C ASN A 143 2.33 -15.27 5.75
N THR A 144 1.15 -15.31 6.34
CA THR A 144 -0.10 -15.20 5.61
C THR A 144 -0.57 -13.78 5.48
N LEU A 145 -0.95 -13.37 4.26
CA LEU A 145 -1.46 -12.01 3.99
C LEU A 145 -2.63 -11.69 4.93
N GLN A 146 -2.52 -10.63 5.72
CA GLN A 146 -3.55 -10.28 6.69
C GLN A 146 -4.44 -9.19 6.13
N LYS A 147 -5.68 -9.09 6.64
CA LYS A 147 -6.64 -8.09 6.26
C LYS A 147 -7.33 -7.50 7.49
N ALA A 148 -7.71 -6.23 7.41
CA ALA A 148 -8.47 -5.61 8.49
C ALA A 148 -9.33 -4.53 7.90
N LYS A 149 -10.58 -4.43 8.36
CA LYS A 149 -11.50 -3.40 7.92
C LYS A 149 -11.30 -2.19 8.84
N ILE A 150 -11.08 -1.01 8.27
CA ILE A 150 -10.79 0.20 9.05
C ILE A 150 -11.66 1.33 8.56
N PRO A 151 -12.30 2.10 9.45
CA PRO A 151 -13.09 3.24 8.99
C PRO A 151 -12.23 4.45 8.68
N LEU A 152 -12.60 5.19 7.64
CA LEU A 152 -11.95 6.44 7.33
C LEU A 152 -12.29 7.46 8.42
N VAL A 153 -11.37 8.37 8.67
N VAL A 153 -11.32 8.35 8.71
CA VAL A 153 -11.66 9.49 9.54
CA VAL A 153 -11.39 9.43 9.72
C VAL A 153 -11.46 10.72 8.69
C VAL A 153 -11.18 10.75 8.94
N THR A 154 -12.05 11.82 9.15
CA THR A 154 -11.90 13.07 8.40
C THR A 154 -10.50 13.66 8.55
N ASN A 155 -10.08 14.43 7.55
CA ASN A 155 -8.79 15.09 7.65
C ASN A 155 -8.75 16.07 8.84
N GLU A 156 -9.90 16.69 9.16
CA GLU A 156 -9.99 17.59 10.32
C GLU A 156 -9.70 16.85 11.61
N GLU A 157 -10.30 15.67 11.80
CA GLU A 157 -10.06 14.88 13.00
CA GLU A 157 -10.04 14.90 13.00
C GLU A 157 -8.64 14.33 13.01
N CYS A 158 -8.13 13.91 11.84
CA CYS A 158 -6.77 13.37 11.76
C CYS A 158 -5.73 14.42 12.14
N GLN A 159 -5.94 15.66 11.70
CA GLN A 159 -5.03 16.76 12.04
C GLN A 159 -4.99 16.99 13.56
N LYS A 160 -6.12 16.82 14.26
CA LYS A 160 -6.16 17.00 15.71
C LYS A 160 -5.39 15.95 16.47
N ARG A 161 -5.21 14.76 15.87
CA ARG A 161 -4.43 13.70 16.49
C ARG A 161 -2.95 13.81 16.17
N TYR A 162 -2.55 14.61 15.17
CA TYR A 162 -1.16 14.75 14.73
C TYR A 162 -0.81 16.24 14.65
N ARG A 163 -0.93 16.94 15.78
CA ARG A 163 -0.67 18.38 15.87
CA ARG A 163 -0.70 18.40 15.79
C ARG A 163 0.74 18.81 15.46
N GLY A 164 1.67 17.87 15.51
CA GLY A 164 3.06 18.13 15.14
C GLY A 164 3.39 17.91 13.69
N HIS A 165 2.37 17.50 12.89
CA HIS A 165 2.55 17.23 11.48
C HIS A 165 1.54 18.01 10.67
N LYS A 166 1.76 18.16 9.38
CA LYS A 166 0.83 18.79 8.49
C LYS A 166 0.05 17.70 7.77
N ILE A 167 -1.20 17.52 8.16
CA ILE A 167 -2.03 16.54 7.48
C ILE A 167 -2.71 17.27 6.34
N THR A 168 -2.32 16.96 5.12
CA THR A 168 -2.84 17.68 3.94
C THR A 168 -3.94 16.88 3.24
N HIS A 169 -4.64 17.53 2.24
CA HIS A 169 -5.64 16.79 1.50
C HIS A 169 -5.01 15.76 0.54
N LYS A 170 -3.67 15.72 0.43
CA LYS A 170 -3.01 14.63 -0.30
C LYS A 170 -2.83 13.39 0.58
N MET A 171 -3.32 13.42 1.83
CA MET A 171 -3.33 12.29 2.73
C MET A 171 -4.78 11.97 3.09
N ILE A 172 -5.00 10.74 3.53
CA ILE A 172 -6.27 10.28 4.07
C ILE A 172 -5.96 9.42 5.30
N CYS A 173 -6.81 9.47 6.31
CA CYS A 173 -6.56 8.73 7.55
C CYS A 173 -7.60 7.71 7.81
N ALA A 174 -7.24 6.66 8.51
CA ALA A 174 -8.20 5.63 8.84
C ALA A 174 -7.77 4.99 10.13
N GLY A 175 -8.72 4.83 11.03
CA GLY A 175 -8.46 4.17 12.30
C GLY A 175 -9.66 4.20 13.21
N TYR A 176 -9.58 3.44 14.27
CA TYR A 176 -10.64 3.42 15.28
C TYR A 176 -10.22 4.34 16.42
N ARG A 177 -11.18 4.97 17.11
CA ARG A 177 -10.87 5.83 18.26
C ARG A 177 -10.07 5.08 19.33
N GLU A 178 -10.48 3.84 19.63
CA GLU A 178 -9.77 3.03 20.62
C GLU A 178 -8.67 2.15 20.04
N GLY A 179 -8.30 2.35 18.77
CA GLY A 179 -7.24 1.59 18.14
C GLY A 179 -7.61 0.13 17.95
N GLY A 180 -6.61 -0.73 17.98
CA GLY A 180 -6.84 -2.17 17.88
C GLY A 180 -6.63 -2.78 16.50
N LYS A 181 -6.94 -2.03 15.45
CA LYS A 181 -6.76 -2.47 14.06
C LYS A 181 -6.03 -1.39 13.32
N ASP A 182 -4.99 -1.76 12.55
CA ASP A 182 -4.21 -0.76 11.82
C ASP A 182 -3.18 -1.47 10.95
N ALA A 183 -2.59 -0.72 10.03
CA ALA A 183 -1.43 -1.20 9.28
C ALA A 183 -0.16 -0.93 10.15
N CYS A 184 0.96 -1.55 9.79
CA CYS A 184 2.19 -1.37 10.55
C CYS A 184 3.39 -1.55 9.62
N LYS A 185 4.62 -1.51 10.14
CA LYS A 185 5.82 -1.68 9.34
C LYS A 185 5.73 -2.94 8.47
N GLY A 186 6.06 -2.80 7.19
CA GLY A 186 5.97 -3.90 6.26
C GLY A 186 4.67 -3.93 5.47
N ASP A 187 3.62 -3.27 5.97
CA ASP A 187 2.39 -3.11 5.19
C ASP A 187 2.52 -1.93 4.23
N SER A 188 3.45 -1.00 4.50
CA SER A 188 3.70 0.20 3.71
C SER A 188 3.77 -0.09 2.23
N GLY A 189 3.18 0.79 1.45
CA GLY A 189 3.16 0.62 0.01
C GLY A 189 1.96 -0.15 -0.49
N GLY A 190 1.37 -0.98 0.38
CA GLY A 190 0.18 -1.72 -0.03
C GLY A 190 -1.06 -0.87 -0.04
N PRO A 191 -2.16 -1.51 -0.43
CA PRO A 191 -3.41 -0.80 -0.63
C PRO A 191 -4.27 -0.59 0.60
N LEU A 192 -5.04 0.50 0.56
CA LEU A 192 -6.25 0.74 1.36
C LEU A 192 -7.33 0.67 0.26
N SER A 193 -8.04 -0.44 0.22
CA SER A 193 -9.00 -0.75 -0.85
C SER A 193 -10.40 -0.54 -0.35
N CYS A 194 -11.22 0.19 -1.09
CA CYS A 194 -12.59 0.44 -0.64
C CYS A 194 -13.55 -0.06 -1.71
N LYS A 195 -14.61 -0.76 -1.28
CA LYS A 195 -15.58 -1.30 -2.22
C LYS A 195 -16.79 -0.39 -2.29
N HIS A 196 -17.18 0.02 -3.50
CA HIS A 196 -18.29 0.93 -3.73
C HIS A 196 -19.05 0.42 -4.95
N ASN A 197 -20.35 0.17 -4.79
CA ASN A 197 -21.16 -0.40 -5.89
C ASN A 197 -20.55 -1.72 -6.41
N GLU A 198 -20.01 -2.52 -5.48
CA GLU A 198 -19.43 -3.80 -5.76
C GLU A 198 -18.17 -3.77 -6.62
N VAL A 199 -17.49 -2.63 -6.64
CA VAL A 199 -16.22 -2.50 -7.35
C VAL A 199 -15.18 -1.99 -6.36
N TRP A 200 -14.02 -2.63 -6.31
CA TRP A 200 -12.96 -2.17 -5.42
C TRP A 200 -12.17 -1.05 -6.08
N HIS A 201 -11.81 -0.02 -5.27
CA HIS A 201 -10.97 1.07 -5.75
C HIS A 201 -9.80 1.26 -4.82
N LEU A 202 -8.68 1.70 -5.40
CA LEU A 202 -7.48 1.92 -4.61
C LEU A 202 -7.53 3.35 -4.07
N VAL A 203 -8.00 3.48 -2.85
CA VAL A 203 -8.22 4.78 -2.24
C VAL A 203 -6.98 5.32 -1.54
N GLY A 204 -6.21 4.45 -0.92
CA GLY A 204 -5.00 4.89 -0.21
C GLY A 204 -3.84 3.97 -0.43
N ILE A 205 -2.64 4.47 -0.11
CA ILE A 205 -1.41 3.68 -0.07
C ILE A 205 -0.93 3.77 1.38
N THR A 206 -0.68 2.64 2.02
CA THR A 206 -0.20 2.63 3.41
C THR A 206 1.09 3.39 3.56
N SER A 207 1.13 4.37 4.48
CA SER A 207 2.27 5.28 4.53
C SER A 207 2.93 5.43 5.90
N TRP A 208 2.22 5.97 6.92
CA TRP A 208 2.86 6.20 8.22
C TRP A 208 1.85 6.37 9.31
N GLY A 209 2.33 6.46 10.54
CA GLY A 209 1.50 6.77 11.69
C GLY A 209 2.35 6.83 12.95
N GLU A 210 1.74 7.07 14.08
CA GLU A 210 2.46 7.08 15.35
C GLU A 210 2.22 5.71 15.97
N GLY A 211 3.21 4.84 15.91
CA GLY A 211 3.07 3.48 16.38
C GLY A 211 2.10 2.72 15.49
N CYS A 212 1.49 1.67 16.05
CA CYS A 212 0.55 0.86 15.30
C CYS A 212 -0.62 0.49 16.18
N ALA A 213 -1.81 0.86 15.73
CA ALA A 213 -3.10 0.58 16.36
C ALA A 213 -3.25 1.21 17.74
N GLN A 214 -2.56 2.34 17.98
CA GLN A 214 -2.71 3.03 19.25
C GLN A 214 -4.02 3.80 19.25
N ARG A 215 -4.60 4.01 20.45
CA ARG A 215 -5.83 4.79 20.54
C ARG A 215 -5.60 6.23 20.02
N GLU A 216 -6.57 6.75 19.28
CA GLU A 216 -6.55 8.10 18.76
C GLU A 216 -5.32 8.44 17.92
N ARG A 217 -4.73 7.44 17.26
CA ARG A 217 -3.59 7.67 16.38
C ARG A 217 -3.86 6.88 15.10
N PRO A 218 -4.70 7.45 14.22
CA PRO A 218 -5.03 6.71 12.99
C PRO A 218 -3.88 6.51 12.06
N GLY A 219 -4.00 5.51 11.20
CA GLY A 219 -3.02 5.32 10.14
C GLY A 219 -3.19 6.40 9.10
N VAL A 220 -2.07 6.82 8.49
CA VAL A 220 -2.05 7.86 7.47
C VAL A 220 -1.63 7.25 6.16
N TYR A 221 -2.42 7.53 5.14
CA TYR A 221 -2.28 6.93 3.81
C TYR A 221 -2.12 8.00 2.76
N THR A 222 -1.40 7.69 1.69
CA THR A 222 -1.36 8.60 0.53
C THR A 222 -2.76 8.58 -0.13
N ASN A 223 -3.36 9.76 -0.37
CA ASN A 223 -4.72 9.86 -0.92
C ASN A 223 -4.62 9.76 -2.45
N VAL A 224 -4.84 8.55 -2.98
CA VAL A 224 -4.58 8.22 -4.36
C VAL A 224 -5.30 9.11 -5.34
N VAL A 225 -6.55 9.50 -5.05
CA VAL A 225 -7.31 10.33 -6.00
C VAL A 225 -6.61 11.67 -6.29
N GLU A 226 -5.83 12.19 -5.32
CA GLU A 226 -5.10 13.42 -5.52
C GLU A 226 -3.86 13.28 -6.39
N TYR A 227 -3.51 12.06 -6.78
CA TYR A 227 -2.36 11.76 -7.62
C TYR A 227 -2.74 11.17 -8.95
N VAL A 228 -4.03 11.17 -9.35
CA VAL A 228 -4.43 10.55 -10.59
C VAL A 228 -3.75 11.21 -11.79
N ASP A 229 -3.59 12.55 -11.80
CA ASP A 229 -2.93 13.20 -12.94
C ASP A 229 -1.47 12.73 -13.05
N TRP A 230 -0.81 12.63 -11.91
CA TRP A 230 0.58 12.19 -11.88
C TRP A 230 0.71 10.72 -12.32
N ILE A 231 -0.17 9.84 -11.80
CA ILE A 231 -0.14 8.43 -12.19
C ILE A 231 -0.38 8.27 -13.68
N LEU A 232 -1.43 8.93 -14.22
CA LEU A 232 -1.75 8.79 -15.64
C LEU A 232 -0.63 9.31 -16.51
N GLU A 233 0.01 10.41 -16.12
CA GLU A 233 1.10 10.95 -16.91
C GLU A 233 2.30 9.99 -16.95
N LYS A 234 2.67 9.41 -15.79
CA LYS A 234 3.83 8.52 -15.74
C LYS A 234 3.55 7.19 -16.45
N THR A 235 2.31 6.70 -16.46
CA THR A 235 1.97 5.41 -17.07
C THR A 235 1.45 5.48 -18.49
N GLN A 236 1.30 6.68 -19.06
CA GLN A 236 0.77 6.81 -20.43
C GLN A 236 1.89 6.64 -21.44
C1 NW2 B . 7.20 1.41 12.52
C2 NW2 B . 5.93 1.49 11.92
C3 NW2 B . 5.80 2.06 10.65
C11 NW2 B . 2.13 2.74 10.28
C12 NW2 B . 1.90 2.30 8.98
C13 NW2 B . 2.92 1.82 8.18
C14 NW2 B . 4.20 1.74 8.75
C15 NW2 B . 0.81 3.25 10.83
C16 NW2 B . -0.12 3.04 9.61
C20 NW2 B . 7.37 0.76 13.92
C21 NW2 B . 6.47 1.53 14.95
C22 NW2 B . 7.01 -0.74 13.89
C23 NW2 B . 10.37 1.25 6.73
C24 NW2 B . 9.55 0.63 5.80
C25 NW2 B . 10.03 0.35 4.52
C26 NW2 B . 11.31 0.72 4.13
C27 NW2 B . 12.14 1.32 5.09
C28 NW2 B . 11.69 1.55 6.39
C29 NW2 B . 8.13 0.32 6.17
C4 NW2 B . 6.91 2.52 9.94
C5 NW2 B . 8.17 2.43 10.52
C6 NW2 B . 8.30 1.86 11.80
C7 NW2 B . 9.42 3.02 9.82
C8 NW2 B . 9.49 2.84 8.29
C9 NW2 B . 4.44 2.18 10.07
C10 NW2 B . 3.39 2.66 10.84
O17 NW2 B . 0.59 2.38 8.53
N18 NW2 B . 0.37 2.43 11.98
O19 NW2 B . 9.90 1.49 8.02
O30 NW2 B . 7.78 -0.94 6.11
O31 NW2 B . 7.33 1.20 6.46
O32 NW2 B . 12.46 2.21 7.37
C33 NW2 B . 13.80 2.68 7.11
S SO4 C . -15.08 -12.77 -1.86
O1 SO4 C . -13.72 -12.44 -1.42
O2 SO4 C . -15.57 -11.74 -2.78
O3 SO4 C . -15.10 -14.07 -2.56
O4 SO4 C . -15.98 -12.80 -0.69
S SO4 D . 1.02 20.41 -5.43
O1 SO4 D . 2.33 21.01 -5.19
O2 SO4 D . 0.76 20.40 -6.86
O3 SO4 D . 1.13 19.03 -4.99
O4 SO4 D . -0.01 21.12 -4.68
S SO4 E . -13.38 13.87 -8.91
O1 SO4 E . -13.01 15.29 -8.67
O2 SO4 E . -12.87 13.45 -10.24
O3 SO4 E . -14.84 13.76 -8.87
O4 SO4 E . -12.77 13.06 -7.84
S DMS F . -15.18 4.23 15.85
O DMS F . -13.79 4.65 16.03
C1 DMS F . -15.33 2.59 16.50
C2 DMS F . -15.36 3.81 14.15
S DMS G . 2.22 14.50 17.15
O DMS G . 2.12 15.09 15.84
C1 DMS G . 2.13 15.78 18.35
C2 DMS G . 3.89 14.00 17.37
#